data_3R1K
#
_entry.id   3R1K
#
_cell.length_a   174.935
_cell.length_b   174.935
_cell.length_c   124.686
_cell.angle_alpha   90.00
_cell.angle_beta   90.00
_cell.angle_gamma   120.00
#
_symmetry.space_group_name_H-M   'H 3 2'
#
loop_
_entity.id
_entity.type
_entity.pdbx_description
1 polymer 'Enhanced intracellular survival protein'
2 non-polymer 'COENZYME A'
3 non-polymer ACETAMIDE
4 water water
#
_entity_poly.entity_id   1
_entity_poly.type   'polypeptide(L)'
_entity_poly.pdbx_seq_one_letter_code
;MGSSHHHHHHSSGLVPRGSHMLQSDSMTVTLCSPTEDDWPGMFLLAAASFTDFIGPESATAWRTLVPTDGAVVVRDGAGP
GSEVVGMALYMDLRLTVPGEVVLPTAGLSFVAVAPTHRRRGLLRAMCAELHRRIADSGYPVAALHASEGGIYGRFGYGPA
TTLHELTVDRRFARFHADAPGGGLGGSSVRLVRPTEHRGEFEAIYERWRQQVPGGLLRPQVLWDELLAECKAAPGGDRES
FALLHPDGYALYRVDRTDLKLARVSELRAVTADAHCALWRALIGLDSMERISIITHPQDPLPHLLTDTRLARTTWRQDGL
WLRIMNVPAALEARGYAHEVGEFSTVLEVSDGGRFALKIGDGRARCTPTDAAAEIEMDRDVLGSLYLGAHRASTLAAANR
LRTKDSQLLRRLDAAFASDVPVQTAFEF
;
_entity_poly.pdbx_strand_id   A
#
loop_
_chem_comp.id
_chem_comp.type
_chem_comp.name
_chem_comp.formula
ACM non-polymer ACETAMIDE 'C2 H5 N O'
COA non-polymer 'COENZYME A' 'C21 H36 N7 O16 P3 S'
#
# COMPACT_ATOMS: atom_id res chain seq x y z
N VAL A 29 28.83 12.33 -15.79
CA VAL A 29 27.59 12.01 -15.01
C VAL A 29 27.79 12.20 -13.49
N THR A 30 27.04 13.15 -12.93
CA THR A 30 27.13 13.48 -11.51
C THR A 30 25.81 13.17 -10.81
N LEU A 31 25.89 12.65 -9.59
CA LEU A 31 24.72 12.38 -8.77
C LEU A 31 24.70 13.29 -7.55
N CYS A 32 23.68 14.12 -7.44
CA CYS A 32 23.52 14.98 -6.25
C CYS A 32 22.07 15.38 -5.99
N SER A 33 21.86 16.09 -4.88
CA SER A 33 20.55 16.66 -4.55
C SER A 33 20.19 17.78 -5.52
N PRO A 34 18.95 17.80 -6.03
CA PRO A 34 18.54 18.85 -6.96
C PRO A 34 18.46 20.24 -6.31
N THR A 35 18.84 21.26 -7.06
CA THR A 35 18.57 22.65 -6.69
C THR A 35 17.25 23.02 -7.32
N GLU A 36 16.69 24.16 -6.92
CA GLU A 36 15.42 24.64 -7.46
C GLU A 36 15.42 24.72 -8.99
N ASP A 37 16.60 24.88 -9.61
CA ASP A 37 16.73 24.99 -11.06
C ASP A 37 16.69 23.64 -11.79
N ASP A 38 16.79 22.55 -11.02
CA ASP A 38 16.73 21.21 -11.60
C ASP A 38 15.30 20.72 -11.81
N TRP A 39 14.34 21.32 -11.11
CA TRP A 39 12.98 20.79 -11.08
C TRP A 39 12.22 20.83 -12.43
N PRO A 40 12.36 21.91 -13.23
CA PRO A 40 11.79 21.85 -14.58
C PRO A 40 12.31 20.66 -15.43
N GLY A 41 13.60 20.36 -15.33
CA GLY A 41 14.16 19.20 -16.00
C GLY A 41 13.65 17.88 -15.43
N MET A 42 13.39 17.85 -14.13
CA MET A 42 12.80 16.66 -13.51
C MET A 42 11.36 16.46 -13.99
N PHE A 43 10.57 17.54 -13.99
CA PHE A 43 9.19 17.48 -14.48
C PHE A 43 9.08 17.06 -15.95
N LEU A 44 10.09 17.41 -16.75
CA LEU A 44 10.17 16.95 -18.15
C LEU A 44 10.39 15.44 -18.22
N LEU A 45 11.45 14.97 -17.58
CA LEU A 45 11.70 13.54 -17.42
C LEU A 45 10.45 12.80 -16.94
N ALA A 46 9.75 13.36 -15.96
CA ALA A 46 8.56 12.72 -15.40
C ALA A 46 7.45 12.62 -16.45
N ALA A 47 7.16 13.74 -17.11
CA ALA A 47 6.15 13.77 -18.17
C ALA A 47 6.47 12.71 -19.24
N ALA A 48 7.74 12.58 -19.58
CA ALA A 48 8.18 11.62 -20.59
C ALA A 48 8.23 10.18 -20.09
N SER A 49 8.19 9.96 -18.76
CA SER A 49 8.39 8.61 -18.22
C SER A 49 7.09 8.03 -17.66
N PHE A 50 6.18 8.90 -17.24
CA PHE A 50 4.93 8.47 -16.63
C PHE A 50 3.72 9.04 -17.38
N THR A 51 2.94 8.16 -17.99
CA THR A 51 1.76 8.62 -18.76
C THR A 51 0.74 9.22 -17.81
N ASP A 52 0.63 8.62 -16.63
CA ASP A 52 -0.27 9.13 -15.58
C ASP A 52 0.35 10.29 -14.80
N PHE A 53 1.37 10.94 -15.38
CA PHE A 53 2.05 12.01 -14.66
C PHE A 53 1.02 13.05 -14.20
N ILE A 54 1.00 13.25 -12.90
CA ILE A 54 -0.01 14.09 -12.25
C ILE A 54 0.06 15.57 -12.66
N GLY A 55 1.17 15.97 -13.28
CA GLY A 55 1.39 17.36 -13.72
C GLY A 55 2.16 18.16 -12.68
N PRO A 56 2.81 19.26 -13.10
CA PRO A 56 3.71 20.08 -12.26
C PRO A 56 3.03 20.71 -11.06
N GLU A 57 1.76 21.06 -11.18
CA GLU A 57 1.04 21.67 -10.06
C GLU A 57 0.79 20.66 -8.94
N SER A 58 0.31 19.46 -9.30
CA SER A 58 0.09 18.40 -8.34
C SER A 58 1.42 17.87 -7.79
N ALA A 59 2.39 17.69 -8.68
CA ALA A 59 3.74 17.24 -8.28
C ALA A 59 4.37 18.20 -7.26
N THR A 60 4.09 19.49 -7.43
CA THR A 60 4.57 20.52 -6.52
C THR A 60 3.90 20.40 -5.14
N ALA A 61 2.69 19.87 -5.08
CA ALA A 61 2.02 19.63 -3.80
C ALA A 61 2.58 18.40 -3.06
N TRP A 62 2.73 17.28 -3.77
CA TRP A 62 3.35 16.09 -3.20
C TRP A 62 4.77 16.39 -2.69
N ARG A 63 5.38 17.37 -3.34
CA ARG A 63 6.74 17.78 -3.08
C ARG A 63 6.90 18.25 -1.65
N THR A 64 5.84 18.80 -1.06
CA THR A 64 5.85 19.19 0.35
C THR A 64 6.18 18.02 1.32
N LEU A 65 6.03 16.78 0.84
CA LEU A 65 6.29 15.58 1.67
C LEU A 65 7.70 15.02 1.53
N VAL A 66 8.45 15.60 0.60
CA VAL A 66 9.83 15.21 0.36
C VAL A 66 10.71 16.04 1.29
N PRO A 67 11.48 15.37 2.17
CA PRO A 67 12.33 16.18 3.05
C PRO A 67 13.54 16.75 2.33
N THR A 68 14.17 17.74 2.94
CA THR A 68 15.47 18.26 2.51
C THR A 68 16.37 17.06 2.27
N ASP A 69 17.12 17.03 1.19
CA ASP A 69 17.97 15.86 0.94
C ASP A 69 17.19 14.55 0.65
N GLY A 70 15.88 14.65 0.41
CA GLY A 70 15.07 13.49 0.04
C GLY A 70 15.08 13.13 -1.44
N ALA A 71 15.74 13.95 -2.26
CA ALA A 71 15.81 13.71 -3.71
C ALA A 71 17.22 13.64 -4.24
N VAL A 72 17.42 12.82 -5.27
CA VAL A 72 18.66 12.81 -6.03
C VAL A 72 18.34 12.98 -7.54
N VAL A 73 19.28 13.63 -8.24
CA VAL A 73 19.27 13.70 -9.71
C VAL A 73 20.62 13.35 -10.25
N VAL A 74 20.62 12.83 -11.47
CA VAL A 74 21.82 12.58 -12.23
C VAL A 74 21.74 13.54 -13.42
N ARG A 75 22.81 14.28 -13.65
CA ARG A 75 22.90 15.24 -14.75
C ARG A 75 23.98 14.79 -15.72
N ASP A 76 23.75 15.03 -17.01
CA ASP A 76 24.71 14.65 -18.06
C ASP A 76 25.82 15.70 -18.06
N GLY A 77 27.00 15.31 -17.63
CA GLY A 77 28.10 16.26 -17.39
C GLY A 77 27.89 17.02 -16.10
N SER A 82 23.61 21.93 -17.17
CA SER A 82 23.41 20.67 -17.90
C SER A 82 22.13 19.95 -17.47
N GLU A 83 21.75 18.91 -18.22
CA GLU A 83 20.39 18.37 -18.12
C GLU A 83 20.20 17.07 -17.33
N VAL A 84 19.05 16.96 -16.69
CA VAL A 84 18.72 15.80 -15.85
C VAL A 84 18.29 14.58 -16.67
N VAL A 85 19.02 13.50 -16.45
CA VAL A 85 18.84 12.23 -17.11
C VAL A 85 18.43 11.12 -16.14
N GLY A 86 18.33 11.45 -14.86
CA GLY A 86 17.91 10.46 -13.86
C GLY A 86 17.44 11.17 -12.62
N MET A 87 16.46 10.56 -11.95
CA MET A 87 15.94 11.15 -10.71
C MET A 87 15.32 10.08 -9.83
N ALA A 88 15.18 10.42 -8.55
CA ALA A 88 14.54 9.54 -7.59
C ALA A 88 14.41 10.32 -6.30
N LEU A 89 13.38 10.02 -5.55
CA LEU A 89 13.20 10.70 -4.27
C LEU A 89 12.41 9.84 -3.31
N TYR A 90 12.31 10.29 -2.06
CA TYR A 90 11.40 9.65 -1.13
C TYR A 90 10.61 10.70 -0.36
N MET A 91 9.42 10.29 0.07
CA MET A 91 8.54 11.12 0.83
C MET A 91 8.45 10.56 2.24
N ASP A 92 8.23 11.45 3.19
CA ASP A 92 8.07 11.07 4.59
C ASP A 92 6.63 10.56 4.79
N LEU A 93 6.47 9.26 5.08
CA LEU A 93 5.16 8.67 5.32
C LEU A 93 5.04 8.05 6.72
N ARG A 94 3.81 7.73 7.10
CA ARG A 94 3.55 6.94 8.31
C ARG A 94 2.72 5.74 7.96
N LEU A 95 3.28 4.57 8.22
CA LEU A 95 2.65 3.34 7.80
C LEU A 95 2.25 2.51 9.02
N THR A 96 1.04 1.97 8.97
CA THR A 96 0.54 1.14 10.05
C THR A 96 0.90 -0.30 9.76
N VAL A 97 1.39 -0.99 10.78
CA VAL A 97 1.83 -2.38 10.62
C VAL A 97 1.07 -3.23 11.65
N PRO A 98 1.13 -4.57 11.56
CA PRO A 98 0.35 -5.37 12.54
C PRO A 98 0.62 -5.01 14.02
N GLY A 99 -0.47 -4.99 14.80
CA GLY A 99 -0.44 -4.51 16.18
C GLY A 99 -0.82 -3.04 16.31
N GLU A 100 -1.34 -2.45 15.23
CA GLU A 100 -1.65 -1.00 15.17
C GLU A 100 -0.44 -0.10 15.46
N VAL A 101 0.74 -0.57 15.11
CA VAL A 101 1.94 0.23 15.31
C VAL A 101 2.17 1.06 14.06
N VAL A 102 2.51 2.35 14.22
CA VAL A 102 2.77 3.27 13.11
C VAL A 102 4.28 3.50 13.01
N LEU A 103 4.85 3.20 11.83
CA LEU A 103 6.27 3.41 11.57
C LEU A 103 6.55 4.58 10.62
N PRO A 104 7.57 5.39 10.92
CA PRO A 104 8.02 6.35 9.93
C PRO A 104 8.54 5.56 8.73
N THR A 105 8.19 5.96 7.52
CA THR A 105 8.42 5.11 6.34
C THR A 105 8.88 6.04 5.23
N ALA A 106 9.96 5.67 4.54
CA ALA A 106 10.39 6.46 3.39
C ALA A 106 9.68 5.92 2.14
N GLY A 107 8.84 6.74 1.53
CA GLY A 107 8.08 6.32 0.35
C GLY A 107 8.82 6.71 -0.93
N LEU A 108 9.53 5.76 -1.52
CA LEU A 108 10.25 6.04 -2.79
C LEU A 108 9.25 6.34 -3.90
N SER A 109 9.58 7.30 -4.75
CA SER A 109 8.69 7.69 -5.85
C SER A 109 9.43 8.53 -6.90
N PHE A 110 8.77 8.81 -8.03
CA PHE A 110 9.31 9.71 -9.05
C PHE A 110 10.67 9.19 -9.53
N VAL A 111 10.78 7.87 -9.69
CA VAL A 111 12.05 7.22 -10.06
C VAL A 111 12.04 7.05 -11.59
N ALA A 112 13.08 7.56 -12.25
CA ALA A 112 13.14 7.50 -13.73
C ALA A 112 14.53 7.74 -14.24
N VAL A 113 14.86 7.05 -15.32
CA VAL A 113 16.11 7.29 -16.06
C VAL A 113 15.70 7.51 -17.51
N ALA A 114 16.27 8.55 -18.12
CA ALA A 114 15.97 8.94 -19.51
C ALA A 114 16.26 7.77 -20.46
N PRO A 115 15.44 7.65 -21.53
CA PRO A 115 15.62 6.52 -22.46
C PRO A 115 17.00 6.52 -23.12
N THR A 116 17.65 7.68 -23.09
CA THR A 116 18.98 7.89 -23.68
C THR A 116 20.09 7.45 -22.75
N HIS A 117 19.76 7.19 -21.49
CA HIS A 117 20.79 6.85 -20.51
C HIS A 117 20.54 5.58 -19.71
N ARG A 118 19.67 4.71 -20.22
CA ARG A 118 19.28 3.49 -19.48
C ARG A 118 20.33 2.36 -19.54
N ARG A 119 20.16 1.36 -18.66
CA ARG A 119 21.06 0.19 -18.56
C ARG A 119 22.54 0.58 -18.39
N ARG A 120 22.75 1.69 -17.68
CA ARG A 120 24.06 2.29 -17.48
C ARG A 120 24.35 2.36 -15.98
N GLY A 121 23.43 1.84 -15.17
CA GLY A 121 23.62 1.75 -13.71
C GLY A 121 23.14 2.96 -12.94
N LEU A 122 22.41 3.87 -13.59
CA LEU A 122 21.94 5.09 -12.92
C LEU A 122 20.92 4.77 -11.82
N LEU A 123 20.00 3.85 -12.09
CA LEU A 123 19.05 3.43 -11.07
C LEU A 123 19.80 2.83 -9.85
N ARG A 124 20.74 1.92 -10.11
CA ARG A 124 21.53 1.31 -9.04
C ARG A 124 22.21 2.37 -8.15
N ALA A 125 22.88 3.34 -8.78
CA ALA A 125 23.54 4.48 -8.11
C ALA A 125 22.58 5.33 -7.30
N MET A 126 21.44 5.71 -7.91
CA MET A 126 20.45 6.53 -7.22
C MET A 126 19.83 5.78 -6.04
N CYS A 127 19.55 4.48 -6.20
CA CYS A 127 18.96 3.69 -5.13
C CYS A 127 19.92 3.49 -3.97
N ALA A 128 21.19 3.26 -4.31
CA ALA A 128 22.24 3.10 -3.30
C ALA A 128 22.35 4.37 -2.45
N GLU A 129 22.35 5.53 -3.11
CA GLU A 129 22.46 6.80 -2.38
C GLU A 129 21.24 7.11 -1.52
N LEU A 130 20.04 6.90 -2.07
CA LEU A 130 18.85 7.17 -1.28
C LEU A 130 18.75 6.22 -0.11
N HIS A 131 19.08 4.94 -0.31
CA HIS A 131 19.02 3.99 0.78
C HIS A 131 19.97 4.32 1.92
N ARG A 132 21.14 4.86 1.54
CA ARG A 132 22.14 5.33 2.51
C ARG A 132 21.54 6.49 3.31
N ARG A 133 20.99 7.48 2.61
CA ARG A 133 20.32 8.61 3.26
C ARG A 133 19.14 8.17 4.14
N ILE A 134 18.32 7.26 3.62
CA ILE A 134 17.15 6.76 4.37
C ILE A 134 17.58 6.02 5.66
N ALA A 135 18.52 5.08 5.53
CA ALA A 135 19.05 4.34 6.69
C ALA A 135 19.68 5.28 7.72
N ASP A 136 20.50 6.23 7.26
CA ASP A 136 21.17 7.19 8.18
C ASP A 136 20.18 8.11 8.88
N SER A 137 19.08 8.45 8.19
CA SER A 137 18.05 9.30 8.77
C SER A 137 17.21 8.59 9.85
N GLY A 138 17.35 7.28 9.95
CA GLY A 138 16.67 6.51 11.01
C GLY A 138 15.31 5.92 10.66
N TYR A 139 15.00 5.78 9.36
CA TYR A 139 13.76 5.10 8.95
C TYR A 139 13.95 3.59 9.08
N PRO A 140 13.00 2.88 9.72
CA PRO A 140 13.18 1.42 9.78
C PRO A 140 12.75 0.70 8.53
N VAL A 141 11.93 1.35 7.72
CA VAL A 141 11.42 0.75 6.50
C VAL A 141 11.27 1.76 5.37
N ALA A 142 11.39 1.27 4.14
CA ALA A 142 11.09 2.05 2.96
C ALA A 142 10.00 1.31 2.20
N ALA A 143 9.27 2.03 1.35
CA ALA A 143 8.13 1.45 0.63
C ALA A 143 7.99 2.10 -0.73
N LEU A 144 7.31 1.41 -1.64
CA LEU A 144 7.03 1.97 -2.98
C LEU A 144 5.88 1.20 -3.62
N HIS A 145 5.36 1.79 -4.70
CA HIS A 145 4.51 1.09 -5.68
C HIS A 145 5.31 0.91 -6.97
N ALA A 146 5.32 -0.33 -7.47
CA ALA A 146 6.23 -0.72 -8.54
C ALA A 146 5.57 -0.56 -9.92
N SER A 147 6.29 0.04 -10.88
CA SER A 147 5.77 0.16 -12.25
C SER A 147 5.80 -1.20 -12.93
N GLU A 148 6.80 -2.01 -12.61
CA GLU A 148 6.83 -3.41 -13.04
C GLU A 148 7.28 -4.31 -11.89
N GLY A 149 6.93 -5.59 -11.94
CA GLY A 149 7.27 -6.51 -10.85
C GLY A 149 8.71 -6.97 -10.78
N GLY A 150 9.50 -6.66 -11.81
CA GLY A 150 10.87 -7.21 -11.93
C GLY A 150 12.00 -6.29 -11.50
N ILE A 151 11.65 -5.08 -11.10
CA ILE A 151 12.68 -4.06 -10.85
C ILE A 151 13.29 -4.13 -9.44
N TYR A 152 12.45 -4.19 -8.41
CA TYR A 152 12.89 -3.82 -7.06
C TYR A 152 13.32 -4.95 -6.13
N GLY A 153 12.95 -6.19 -6.44
CA GLY A 153 13.43 -7.36 -5.70
C GLY A 153 14.93 -7.30 -5.44
N ARG A 154 15.70 -6.98 -6.47
CA ARG A 154 17.16 -6.89 -6.34
C ARG A 154 17.63 -5.77 -5.40
N PHE A 155 16.79 -4.77 -5.16
CA PHE A 155 17.12 -3.68 -4.24
C PHE A 155 16.52 -3.90 -2.87
N GLY A 156 16.03 -5.12 -2.63
CA GLY A 156 15.54 -5.51 -1.33
C GLY A 156 14.07 -5.24 -1.03
N TYR A 157 13.30 -4.84 -2.05
CA TYR A 157 11.84 -4.61 -1.88
C TYR A 157 11.07 -5.89 -2.20
N GLY A 158 10.17 -6.26 -1.31
CA GLY A 158 9.26 -7.41 -1.53
C GLY A 158 7.84 -6.90 -1.56
N PRO A 159 6.98 -7.47 -2.42
CA PRO A 159 5.57 -7.02 -2.44
C PRO A 159 4.89 -7.40 -1.12
N ALA A 160 4.23 -6.44 -0.49
CA ALA A 160 3.80 -6.59 0.91
C ALA A 160 2.27 -6.54 1.04
N THR A 161 1.59 -5.95 0.06
CA THR A 161 0.12 -5.97 -0.02
C THR A 161 -0.33 -6.50 -1.37
N THR A 162 -1.58 -6.98 -1.43
CA THR A 162 -2.12 -7.49 -2.69
C THR A 162 -3.38 -6.73 -3.07
N LEU A 163 -3.37 -6.15 -4.27
CA LEU A 163 -4.55 -5.53 -4.88
C LEU A 163 -5.42 -6.60 -5.51
N HIS A 164 -6.71 -6.51 -5.23
CA HIS A 164 -7.65 -7.53 -5.58
C HIS A 164 -8.90 -6.78 -6.13
N GLU A 165 -9.09 -6.76 -7.44
CA GLU A 165 -10.29 -6.11 -7.98
C GLU A 165 -11.50 -7.06 -7.96
N LEU A 166 -12.58 -6.61 -7.33
CA LEU A 166 -13.88 -7.30 -7.39
C LEU A 166 -14.81 -6.51 -8.29
N THR A 167 -15.53 -7.22 -9.15
CA THR A 167 -16.59 -6.66 -10.00
C THR A 167 -17.88 -7.43 -9.72
N VAL A 168 -18.93 -6.70 -9.35
CA VAL A 168 -20.22 -7.29 -8.94
C VAL A 168 -21.26 -6.93 -10.02
N ASP A 169 -21.92 -7.91 -10.64
CA ASP A 169 -23.11 -7.63 -11.47
C ASP A 169 -24.23 -7.38 -10.50
N ARG A 170 -24.45 -6.11 -10.20
CA ARG A 170 -25.44 -5.73 -9.20
C ARG A 170 -26.89 -6.06 -9.59
N ARG A 171 -27.16 -6.36 -10.86
CA ARG A 171 -28.52 -6.77 -11.25
C ARG A 171 -28.96 -8.09 -10.61
N PHE A 172 -28.01 -8.97 -10.30
CA PHE A 172 -28.31 -10.25 -9.68
C PHE A 172 -28.06 -10.28 -8.17
N ALA A 173 -27.34 -9.28 -7.67
CA ALA A 173 -26.90 -9.27 -6.28
C ALA A 173 -28.07 -9.16 -5.29
N ARG A 174 -28.14 -10.14 -4.38
CA ARG A 174 -29.08 -10.11 -3.26
C ARG A 174 -28.31 -10.34 -1.97
N PHE A 175 -28.63 -9.59 -0.94
CA PHE A 175 -27.97 -9.76 0.32
C PHE A 175 -28.44 -10.96 1.09
N HIS A 176 -27.50 -11.64 1.72
CA HIS A 176 -27.79 -12.82 2.52
C HIS A 176 -28.68 -12.44 3.73
N ALA A 177 -29.56 -13.37 4.13
CA ALA A 177 -30.38 -13.16 5.34
C ALA A 177 -29.53 -12.78 6.56
N ASP A 178 -28.31 -13.30 6.66
CA ASP A 178 -27.38 -12.98 7.76
C ASP A 178 -26.76 -11.58 7.71
N ALA A 179 -26.70 -10.97 6.53
CA ALA A 179 -25.96 -9.69 6.38
C ALA A 179 -26.53 -8.59 7.29
N PRO A 180 -25.65 -7.82 7.97
CA PRO A 180 -26.13 -6.73 8.83
C PRO A 180 -27.04 -5.70 8.13
N GLY A 181 -28.05 -5.21 8.85
CA GLY A 181 -28.83 -4.03 8.46
C GLY A 181 -29.84 -4.21 7.34
N GLY A 182 -30.62 -5.28 7.41
CA GLY A 182 -31.57 -5.62 6.34
C GLY A 182 -33.01 -5.14 6.54
N GLY A 183 -33.39 -4.91 7.80
CA GLY A 183 -34.78 -4.55 8.15
C GLY A 183 -35.27 -3.21 7.62
N LEU A 184 -36.48 -2.85 8.00
CA LEU A 184 -37.10 -1.59 7.55
C LEU A 184 -36.47 -0.35 8.23
N GLY A 185 -37.02 0.83 7.91
CA GLY A 185 -36.51 2.09 8.45
C GLY A 185 -35.37 2.66 7.61
N GLY A 186 -35.12 3.96 7.79
CA GLY A 186 -34.13 4.69 6.98
C GLY A 186 -32.75 4.05 6.86
N SER A 187 -32.02 4.43 5.82
CA SER A 187 -30.62 4.04 5.74
C SER A 187 -29.80 5.03 6.54
N SER A 188 -28.70 4.53 7.08
CA SER A 188 -27.67 5.30 7.73
C SER A 188 -26.74 6.00 6.71
N VAL A 189 -26.89 5.66 5.43
CA VAL A 189 -26.02 6.16 4.36
C VAL A 189 -26.67 7.33 3.59
N ARG A 190 -25.87 8.35 3.30
CA ARG A 190 -26.29 9.49 2.49
C ARG A 190 -25.46 9.60 1.21
N LEU A 191 -26.13 9.92 0.10
CA LEU A 191 -25.49 10.25 -1.18
C LEU A 191 -25.12 11.73 -1.13
N VAL A 192 -23.82 12.05 -1.23
CA VAL A 192 -23.37 13.41 -1.04
C VAL A 192 -22.34 13.83 -2.11
N ARG A 193 -22.12 15.13 -2.23
CA ARG A 193 -20.97 15.65 -3.00
C ARG A 193 -19.70 15.62 -2.13
N PRO A 194 -18.65 14.91 -2.61
CA PRO A 194 -17.41 14.76 -1.84
C PRO A 194 -16.84 16.08 -1.29
N THR A 195 -16.79 17.11 -2.13
CA THR A 195 -16.17 18.38 -1.74
C THR A 195 -16.89 19.11 -0.61
N GLU A 196 -18.14 18.75 -0.35
CA GLU A 196 -18.92 19.40 0.73
C GLU A 196 -18.77 18.68 2.06
N HIS A 197 -18.00 17.58 2.08
CA HIS A 197 -17.91 16.76 3.30
C HIS A 197 -16.47 16.31 3.65
N ARG A 198 -15.52 17.19 3.36
CA ARG A 198 -14.09 16.92 3.58
C ARG A 198 -13.79 16.50 5.02
N GLY A 199 -14.26 17.29 5.97
CA GLY A 199 -14.03 17.04 7.39
C GLY A 199 -14.42 15.65 7.84
N GLU A 200 -15.59 15.19 7.38
CA GLU A 200 -16.05 13.86 7.70
C GLU A 200 -15.22 12.77 7.05
N PHE A 201 -14.78 12.99 5.80
CA PHE A 201 -13.97 11.97 5.13
C PHE A 201 -12.62 11.84 5.84
N GLU A 202 -12.01 13.00 6.13
CA GLU A 202 -10.75 13.08 6.88
C GLU A 202 -10.79 12.28 8.18
N ALA A 203 -11.85 12.47 8.97
CA ALA A 203 -11.97 11.82 10.29
C ALA A 203 -12.20 10.32 10.18
N ILE A 204 -13.03 9.90 9.23
CA ILE A 204 -13.23 8.47 9.03
C ILE A 204 -11.91 7.80 8.57
N TYR A 205 -11.24 8.42 7.59
CA TYR A 205 -9.99 7.91 7.03
C TYR A 205 -8.90 7.79 8.12
N GLU A 206 -8.78 8.83 8.93
CA GLU A 206 -7.82 8.86 10.04
C GLU A 206 -8.08 7.71 11.02
N ARG A 207 -9.35 7.40 11.28
CA ARG A 207 -9.68 6.21 12.10
C ARG A 207 -9.28 4.91 11.40
N TRP A 208 -9.66 4.81 10.14
CA TRP A 208 -9.36 3.65 9.33
C TRP A 208 -7.85 3.38 9.28
N ARG A 209 -7.07 4.42 8.98
CA ARG A 209 -5.64 4.23 8.71
C ARG A 209 -4.85 3.78 9.96
N GLN A 210 -5.32 4.17 11.14
CA GLN A 210 -4.69 3.75 12.39
C GLN A 210 -4.99 2.31 12.77
N GLN A 211 -6.08 1.76 12.26
CA GLN A 211 -6.44 0.41 12.67
C GLN A 211 -6.13 -0.71 11.66
N VAL A 212 -5.78 -0.34 10.45
CA VAL A 212 -5.51 -1.34 9.42
C VAL A 212 -4.01 -1.34 9.01
N PRO A 213 -3.35 -2.52 9.05
CA PRO A 213 -2.01 -2.61 8.49
C PRO A 213 -2.05 -2.25 7.01
N GLY A 214 -1.06 -1.47 6.56
CA GLY A 214 -1.07 -0.93 5.21
C GLY A 214 -1.58 0.48 5.24
N GLY A 215 -2.27 0.87 6.32
CA GLY A 215 -2.79 2.22 6.47
C GLY A 215 -1.66 3.24 6.36
N LEU A 216 -1.93 4.32 5.64
CA LEU A 216 -1.02 5.48 5.60
C LEU A 216 -1.71 6.74 6.05
N LEU A 217 -1.01 7.55 6.83
CA LEU A 217 -1.45 8.90 7.14
C LEU A 217 -1.62 9.69 5.83
N ARG A 218 -2.75 10.40 5.69
CA ARG A 218 -2.98 11.23 4.51
C ARG A 218 -2.93 12.72 4.88
N PRO A 219 -1.80 13.40 4.61
CA PRO A 219 -1.63 14.81 5.01
C PRO A 219 -2.62 15.75 4.31
N GLN A 220 -2.74 16.97 4.81
CA GLN A 220 -3.67 17.93 4.23
C GLN A 220 -3.53 18.14 2.72
N VAL A 221 -2.30 18.25 2.23
CA VAL A 221 -2.06 18.46 0.79
C VAL A 221 -2.63 17.36 -0.09
N LEU A 222 -2.68 16.13 0.43
CA LEU A 222 -3.22 15.01 -0.35
C LEU A 222 -4.74 14.98 -0.37
N TRP A 223 -5.36 15.47 0.72
CA TRP A 223 -6.80 15.70 0.71
C TRP A 223 -7.18 16.85 -0.25
N ASP A 224 -6.38 17.93 -0.24
CA ASP A 224 -6.48 19.00 -1.26
C ASP A 224 -6.50 18.43 -2.67
N GLU A 225 -5.52 17.58 -2.98
CA GLU A 225 -5.40 16.94 -4.29
C GLU A 225 -6.55 15.99 -4.59
N LEU A 226 -6.87 15.13 -3.63
CA LEU A 226 -7.97 14.18 -3.80
C LEU A 226 -9.27 14.90 -4.15
N LEU A 227 -9.64 15.89 -3.36
CA LEU A 227 -10.95 16.51 -3.50
C LEU A 227 -11.04 17.36 -4.77
N ALA A 228 -9.88 17.77 -5.30
CA ALA A 228 -9.81 18.42 -6.61
C ALA A 228 -10.06 17.44 -7.79
N GLU A 229 -9.83 16.14 -7.57
CA GLU A 229 -10.09 15.12 -8.61
C GLU A 229 -11.58 14.78 -8.74
N CYS A 230 -12.40 15.27 -7.81
CA CYS A 230 -13.82 14.90 -7.72
C CYS A 230 -14.71 15.55 -8.76
N LYS A 231 -14.31 16.75 -9.22
CA LYS A 231 -15.02 17.47 -10.28
C LYS A 231 -14.99 16.74 -11.61
N ALA A 232 -16.07 16.89 -12.39
CA ALA A 232 -16.09 16.44 -13.79
C ALA A 232 -14.93 17.12 -14.55
N ALA A 233 -14.29 16.37 -15.44
CA ALA A 233 -13.13 16.86 -16.18
C ALA A 233 -13.46 17.14 -17.65
N PRO A 234 -12.92 18.27 -18.21
CA PRO A 234 -13.11 18.65 -19.62
C PRO A 234 -12.93 17.47 -20.58
N GLY A 235 -14.02 16.75 -20.84
CA GLY A 235 -13.99 15.52 -21.65
C GLY A 235 -13.27 14.34 -21.02
N GLY A 236 -12.87 14.48 -19.74
CA GLY A 236 -12.07 13.47 -19.03
C GLY A 236 -12.90 12.55 -18.16
N ASP A 237 -12.66 12.57 -16.85
CA ASP A 237 -13.42 11.74 -15.92
C ASP A 237 -14.78 12.39 -15.60
N ARG A 238 -15.78 11.54 -15.34
CA ARG A 238 -17.12 11.99 -15.01
C ARG A 238 -17.14 12.42 -13.55
N GLU A 239 -18.21 13.04 -13.09
CA GLU A 239 -18.28 13.52 -11.71
C GLU A 239 -18.19 12.40 -10.67
N SER A 240 -17.47 12.65 -9.58
CA SER A 240 -17.40 11.69 -8.48
C SER A 240 -18.49 11.96 -7.46
N PHE A 241 -19.10 10.89 -6.97
CA PHE A 241 -20.06 11.01 -5.88
C PHE A 241 -19.52 10.30 -4.66
N ALA A 242 -20.18 10.50 -3.52
CA ALA A 242 -19.80 9.82 -2.29
C ALA A 242 -21.02 9.25 -1.63
N LEU A 243 -20.83 8.10 -0.98
CA LEU A 243 -21.80 7.52 -0.09
C LEU A 243 -21.17 7.62 1.31
N LEU A 244 -21.88 8.30 2.22
CA LEU A 244 -21.37 8.62 3.58
C LEU A 244 -22.18 8.01 4.73
N HIS A 245 -21.47 7.30 5.60
CA HIS A 245 -22.02 6.67 6.79
C HIS A 245 -21.24 7.29 7.96
N PRO A 246 -21.81 7.35 9.18
CA PRO A 246 -20.98 7.85 10.32
C PRO A 246 -19.60 7.13 10.46
N ASP A 247 -19.54 5.84 10.14
CA ASP A 247 -18.31 5.03 10.27
C ASP A 247 -17.67 4.53 8.96
N GLY A 248 -17.99 5.14 7.82
CA GLY A 248 -17.33 4.73 6.57
C GLY A 248 -17.78 5.58 5.39
N TYR A 249 -17.01 5.56 4.29
CA TYR A 249 -17.45 6.22 3.07
C TYR A 249 -16.94 5.48 1.84
N ALA A 250 -17.59 5.74 0.71
CA ALA A 250 -17.19 5.19 -0.57
C ALA A 250 -17.21 6.38 -1.54
N LEU A 251 -16.17 6.50 -2.36
CA LEU A 251 -16.11 7.50 -3.41
C LEU A 251 -16.18 6.71 -4.70
N TYR A 252 -16.96 7.18 -5.66
CA TYR A 252 -17.12 6.41 -6.90
C TYR A 252 -17.48 7.33 -8.04
N ARG A 253 -17.34 6.82 -9.25
CA ARG A 253 -17.75 7.54 -10.45
C ARG A 253 -18.03 6.54 -11.56
N VAL A 254 -18.91 6.92 -12.48
CA VAL A 254 -19.17 6.09 -13.66
C VAL A 254 -17.92 6.02 -14.54
N ASP A 255 -17.65 4.85 -15.08
CA ASP A 255 -16.48 4.67 -15.94
C ASP A 255 -16.62 5.58 -17.17
N ARG A 256 -15.51 6.13 -17.67
CA ARG A 256 -15.60 7.04 -18.82
C ARG A 256 -16.18 6.40 -20.10
N THR A 257 -15.86 5.14 -20.35
CA THR A 257 -16.26 4.47 -21.58
C THR A 257 -17.38 3.43 -21.39
N ASP A 258 -17.36 2.72 -20.26
CA ASP A 258 -18.44 1.77 -19.96
C ASP A 258 -19.44 2.48 -19.03
N LEU A 259 -20.52 2.97 -19.62
CA LEU A 259 -21.47 3.81 -18.90
C LEU A 259 -22.37 3.04 -17.92
N LYS A 260 -22.27 1.72 -17.90
CA LYS A 260 -23.02 0.89 -16.97
C LYS A 260 -22.09 0.31 -15.89
N LEU A 261 -20.89 0.86 -15.80
CA LEU A 261 -19.92 0.43 -14.77
C LEU A 261 -19.66 1.57 -13.80
N ALA A 262 -19.87 1.34 -12.51
CA ALA A 262 -19.44 2.31 -11.50
C ALA A 262 -18.15 1.82 -10.88
N ARG A 263 -17.14 2.68 -10.89
CA ARG A 263 -15.85 2.29 -10.33
C ARG A 263 -15.71 2.95 -8.95
N VAL A 264 -15.57 2.15 -7.91
CA VAL A 264 -15.37 2.71 -6.55
C VAL A 264 -13.88 2.97 -6.37
N SER A 265 -13.49 4.24 -6.20
CA SER A 265 -12.07 4.56 -6.14
C SER A 265 -11.48 4.27 -4.75
N GLU A 266 -12.32 4.26 -3.72
CA GLU A 266 -11.89 4.19 -2.35
C GLU A 266 -13.12 3.88 -1.51
N LEU A 267 -13.02 2.87 -0.65
CA LEU A 267 -14.06 2.58 0.32
C LEU A 267 -13.33 2.34 1.64
N ARG A 268 -13.62 3.20 2.59
CA ARG A 268 -12.97 3.20 3.90
C ARG A 268 -14.05 2.96 4.93
N ALA A 269 -14.09 1.75 5.49
CA ALA A 269 -15.07 1.37 6.52
C ALA A 269 -14.37 1.00 7.82
N VAL A 270 -14.77 1.65 8.90
CA VAL A 270 -14.20 1.40 10.24
C VAL A 270 -14.91 0.23 10.95
N THR A 271 -16.17 -0.03 10.58
CA THR A 271 -16.95 -1.11 11.19
C THR A 271 -17.51 -2.06 10.12
N ALA A 272 -17.87 -3.29 10.51
CA ALA A 272 -18.52 -4.21 9.58
C ALA A 272 -19.87 -3.67 9.15
N ASP A 273 -20.56 -2.97 10.07
CA ASP A 273 -21.86 -2.39 9.79
C ASP A 273 -21.77 -1.32 8.70
N ALA A 274 -20.71 -0.50 8.77
CA ALA A 274 -20.50 0.56 7.78
C ALA A 274 -20.20 -0.04 6.41
N HIS A 275 -19.31 -1.02 6.37
CA HIS A 275 -18.99 -1.77 5.16
C HIS A 275 -20.24 -2.38 4.48
N CYS A 276 -21.09 -3.03 5.26
CA CYS A 276 -22.31 -3.61 4.69
C CYS A 276 -23.29 -2.55 4.20
N ALA A 277 -23.50 -1.50 4.99
CA ALA A 277 -24.46 -0.44 4.63
C ALA A 277 -24.02 0.24 3.32
N LEU A 278 -22.72 0.49 3.18
CA LEU A 278 -22.17 1.14 1.99
C LEU A 278 -22.38 0.26 0.75
N TRP A 279 -22.18 -1.05 0.90
CA TRP A 279 -22.40 -2.01 -0.20
C TRP A 279 -23.87 -2.17 -0.58
N ARG A 280 -24.76 -2.16 0.43
CA ARG A 280 -26.20 -2.11 0.16
C ARG A 280 -26.54 -0.90 -0.73
N ALA A 281 -26.04 0.27 -0.38
CA ALA A 281 -26.24 1.47 -1.16
C ALA A 281 -25.63 1.38 -2.58
N LEU A 282 -24.39 0.93 -2.70
CA LEU A 282 -23.75 0.77 -4.01
C LEU A 282 -24.52 -0.21 -4.89
N ILE A 283 -24.95 -1.32 -4.30
CA ILE A 283 -25.71 -2.32 -5.04
C ILE A 283 -27.12 -1.78 -5.41
N GLY A 284 -27.51 -0.67 -4.79
CA GLY A 284 -28.77 0.01 -5.11
C GLY A 284 -28.69 0.97 -6.29
N LEU A 285 -27.51 1.09 -6.90
CA LEU A 285 -27.26 2.02 -7.99
C LEU A 285 -27.93 1.48 -9.26
N ASP A 286 -29.26 1.61 -9.30
CA ASP A 286 -30.11 1.01 -10.34
C ASP A 286 -29.72 1.30 -11.77
N SER A 287 -29.05 2.41 -12.02
CA SER A 287 -28.62 2.74 -13.37
C SER A 287 -27.43 1.93 -13.87
N MET A 288 -26.75 1.24 -12.96
CA MET A 288 -25.52 0.54 -13.30
C MET A 288 -25.79 -0.95 -13.47
N GLU A 289 -25.00 -1.61 -14.30
CA GLU A 289 -25.01 -3.07 -14.36
C GLU A 289 -23.97 -3.63 -13.41
N ARG A 290 -22.82 -2.96 -13.34
CA ARG A 290 -21.65 -3.47 -12.60
C ARG A 290 -21.05 -2.42 -11.68
N ILE A 291 -20.55 -2.89 -10.53
CA ILE A 291 -19.79 -2.07 -9.58
C ILE A 291 -18.44 -2.78 -9.42
N SER A 292 -17.35 -2.03 -9.57
CA SER A 292 -16.02 -2.58 -9.34
C SER A 292 -15.26 -1.77 -8.28
N ILE A 293 -14.32 -2.43 -7.61
CA ILE A 293 -13.51 -1.78 -6.59
C ILE A 293 -12.18 -2.53 -6.55
N ILE A 294 -11.09 -1.79 -6.32
CA ILE A 294 -9.82 -2.45 -6.07
C ILE A 294 -9.69 -2.56 -4.55
N THR A 295 -9.67 -3.79 -4.06
CA THR A 295 -9.82 -4.02 -2.63
C THR A 295 -8.73 -5.02 -2.20
N HIS A 296 -8.92 -5.71 -1.08
CA HIS A 296 -7.93 -6.69 -0.58
C HIS A 296 -8.51 -8.11 -0.62
N PRO A 297 -7.63 -9.14 -0.61
CA PRO A 297 -8.16 -10.51 -0.77
C PRO A 297 -9.17 -10.99 0.28
N GLN A 298 -9.20 -10.35 1.45
CA GLN A 298 -10.10 -10.78 2.52
C GLN A 298 -11.34 -9.87 2.66
N ASP A 299 -11.62 -9.07 1.62
CA ASP A 299 -12.84 -8.25 1.63
C ASP A 299 -14.02 -9.20 1.86
N PRO A 300 -14.82 -8.93 2.91
CA PRO A 300 -15.98 -9.83 3.18
C PRO A 300 -17.17 -9.69 2.21
N LEU A 301 -17.09 -8.77 1.26
CA LEU A 301 -18.21 -8.53 0.33
C LEU A 301 -18.86 -9.79 -0.25
N PRO A 302 -18.07 -10.74 -0.77
CA PRO A 302 -18.74 -11.90 -1.40
C PRO A 302 -19.65 -12.66 -0.43
N HIS A 303 -19.27 -12.67 0.86
CA HIS A 303 -20.00 -13.41 1.89
C HIS A 303 -21.28 -12.72 2.34
N LEU A 304 -21.41 -11.44 1.98
CA LEU A 304 -22.63 -10.65 2.16
C LEU A 304 -23.75 -11.04 1.20
N LEU A 305 -23.42 -11.76 0.12
CA LEU A 305 -24.37 -12.04 -0.95
C LEU A 305 -24.87 -13.47 -0.88
N THR A 306 -26.05 -13.74 -1.46
CA THR A 306 -26.56 -15.11 -1.50
C THR A 306 -25.78 -15.95 -2.51
N ASP A 307 -25.15 -15.29 -3.46
CA ASP A 307 -24.32 -15.97 -4.48
C ASP A 307 -22.93 -15.36 -4.38
N THR A 308 -22.02 -16.02 -3.65
CA THR A 308 -20.66 -15.47 -3.45
C THR A 308 -19.95 -15.27 -4.79
N ARG A 309 -20.38 -16.02 -5.80
CA ARG A 309 -19.69 -16.03 -7.09
C ARG A 309 -19.89 -14.73 -7.86
N LEU A 310 -20.93 -13.98 -7.49
CA LEU A 310 -21.24 -12.69 -8.13
C LEU A 310 -20.22 -11.59 -7.86
N ALA A 311 -19.44 -11.72 -6.80
CA ALA A 311 -18.34 -10.79 -6.58
C ALA A 311 -17.12 -11.41 -7.24
N ARG A 312 -16.93 -11.13 -8.53
CA ARG A 312 -15.91 -11.76 -9.38
C ARG A 312 -14.55 -11.09 -9.21
N THR A 313 -13.52 -11.90 -8.94
CA THR A 313 -12.15 -11.39 -8.98
C THR A 313 -11.71 -11.20 -10.44
N THR A 314 -11.61 -9.94 -10.85
CA THR A 314 -11.32 -9.60 -12.22
C THR A 314 -9.87 -9.14 -12.50
N TRP A 315 -9.10 -8.92 -11.44
CA TRP A 315 -7.69 -8.51 -11.57
C TRP A 315 -7.03 -8.69 -10.20
N ARG A 316 -5.74 -9.03 -10.20
CA ARG A 316 -4.97 -9.23 -8.97
C ARG A 316 -3.59 -8.68 -9.26
N GLN A 317 -2.97 -7.96 -8.31
CA GLN A 317 -1.61 -7.43 -8.51
C GLN A 317 -0.96 -7.07 -7.18
N ASP A 318 0.37 -7.10 -7.13
CA ASP A 318 1.12 -6.53 -5.99
C ASP A 318 0.70 -5.09 -5.77
N GLY A 319 0.54 -4.66 -4.52
CA GLY A 319 0.28 -3.25 -4.24
C GLY A 319 1.53 -2.58 -3.68
N LEU A 320 1.54 -2.42 -2.35
CA LEU A 320 2.67 -1.79 -1.68
C LEU A 320 3.85 -2.76 -1.60
N TRP A 321 5.05 -2.28 -1.86
CA TRP A 321 6.27 -3.08 -1.69
C TRP A 321 7.05 -2.50 -0.50
N LEU A 322 7.72 -3.38 0.25
CA LEU A 322 8.49 -2.97 1.45
C LEU A 322 9.98 -3.37 1.40
N ARG A 323 10.86 -2.44 1.76
CA ARG A 323 12.26 -2.79 2.03
C ARG A 323 12.50 -2.50 3.52
N ILE A 324 12.79 -3.56 4.27
CA ILE A 324 13.11 -3.43 5.67
C ILE A 324 14.53 -2.85 5.74
N MET A 325 14.66 -1.68 6.31
CA MET A 325 15.98 -0.99 6.33
C MET A 325 16.83 -1.46 7.52
N ASN A 326 16.18 -1.60 8.67
CA ASN A 326 16.84 -2.05 9.89
C ASN A 326 16.06 -3.27 10.40
N VAL A 327 16.66 -4.45 10.27
CA VAL A 327 16.00 -5.71 10.61
C VAL A 327 15.51 -5.80 12.05
N PRO A 328 16.41 -5.59 13.04
CA PRO A 328 15.95 -5.63 14.44
C PRO A 328 14.90 -4.57 14.78
N ALA A 329 15.09 -3.32 14.35
CA ALA A 329 14.09 -2.30 14.61
C ALA A 329 12.70 -2.68 14.05
N ALA A 330 12.66 -3.15 12.80
CA ALA A 330 11.37 -3.49 12.19
C ALA A 330 10.73 -4.70 12.89
N LEU A 331 11.51 -5.75 13.13
CA LEU A 331 10.95 -6.96 13.73
C LEU A 331 10.47 -6.73 15.16
N GLU A 332 11.12 -5.84 15.91
CA GLU A 332 10.71 -5.56 17.28
C GLU A 332 9.51 -4.61 17.35
N ALA A 333 9.30 -3.82 16.30
CA ALA A 333 8.23 -2.82 16.29
C ALA A 333 6.84 -3.41 16.11
N ARG A 334 6.75 -4.45 15.30
CA ARG A 334 5.51 -5.11 14.90
C ARG A 334 4.94 -5.94 16.05
N GLY A 335 3.61 -6.10 16.08
CA GLY A 335 2.96 -7.10 16.95
C GLY A 335 2.88 -8.45 16.26
N TYR A 336 2.87 -9.52 17.05
CA TYR A 336 2.78 -10.88 16.50
C TYR A 336 1.54 -11.59 17.03
N ALA A 337 1.14 -12.68 16.40
CA ALA A 337 -0.06 -13.39 16.84
C ALA A 337 0.14 -13.95 18.26
N HIS A 338 -0.85 -13.78 19.12
CA HIS A 338 -0.75 -14.34 20.49
C HIS A 338 -0.96 -15.85 20.56
N GLU A 339 -1.61 -16.42 19.57
CA GLU A 339 -1.93 -17.84 19.61
C GLU A 339 -0.72 -18.79 19.64
N VAL A 340 0.35 -18.40 18.94
CA VAL A 340 1.55 -19.24 18.87
C VAL A 340 2.32 -19.12 20.20
N GLY A 341 2.76 -20.26 20.73
CA GLY A 341 3.50 -20.24 22.00
C GLY A 341 4.88 -19.62 21.80
N GLU A 342 5.45 -19.10 22.87
CA GLU A 342 6.80 -18.54 22.79
C GLU A 342 7.76 -19.49 22.09
N PHE A 343 8.60 -18.93 21.21
CA PHE A 343 9.65 -19.71 20.56
C PHE A 343 10.84 -18.82 20.22
N SER A 344 12.00 -19.44 20.03
CA SER A 344 13.24 -18.74 19.76
C SER A 344 13.90 -19.34 18.54
N THR A 345 14.50 -18.49 17.71
CA THR A 345 15.19 -18.99 16.54
C THR A 345 16.37 -18.09 16.17
N VAL A 346 17.08 -18.46 15.12
CA VAL A 346 18.14 -17.62 14.59
C VAL A 346 17.86 -17.37 13.11
N LEU A 347 17.64 -16.10 12.77
CA LEU A 347 17.30 -15.67 11.43
C LEU A 347 18.46 -14.93 10.79
N GLU A 348 18.89 -15.41 9.63
CA GLU A 348 19.85 -14.68 8.82
C GLU A 348 19.16 -14.04 7.61
N VAL A 349 19.32 -12.73 7.48
CA VAL A 349 18.91 -12.01 6.28
C VAL A 349 20.14 -11.86 5.42
N SER A 350 20.03 -12.23 4.14
CA SER A 350 21.20 -12.42 3.27
C SER A 350 22.27 -11.33 3.30
N ASP A 351 21.92 -10.06 3.19
CA ASP A 351 23.01 -9.09 3.51
C ASP A 351 22.52 -8.07 4.51
N GLY A 352 21.98 -8.59 5.62
CA GLY A 352 21.26 -7.74 6.53
C GLY A 352 21.42 -8.14 7.97
N GLY A 353 22.33 -9.08 8.23
CA GLY A 353 22.68 -9.50 9.60
C GLY A 353 22.12 -10.86 10.00
N ARG A 354 22.61 -11.38 11.12
CA ARG A 354 22.07 -12.59 11.72
C ARG A 354 21.63 -12.29 13.14
N PHE A 355 20.43 -12.78 13.49
CA PHE A 355 19.77 -12.36 14.72
C PHE A 355 19.15 -13.49 15.50
N ALA A 356 19.32 -13.46 16.82
CA ALA A 356 18.54 -14.31 17.71
C ALA A 356 17.16 -13.66 17.82
N LEU A 357 16.13 -14.39 17.38
CA LEU A 357 14.78 -13.85 17.36
C LEU A 357 13.90 -14.64 18.32
N LYS A 358 13.34 -13.96 19.32
CA LYS A 358 12.47 -14.62 20.27
C LYS A 358 11.13 -13.94 20.17
N ILE A 359 10.09 -14.73 19.94
CA ILE A 359 8.73 -14.23 19.79
C ILE A 359 7.83 -14.91 20.83
N GLY A 360 7.21 -14.10 21.68
CA GLY A 360 6.32 -14.63 22.71
C GLY A 360 5.39 -13.54 23.14
N ASP A 361 4.17 -13.92 23.53
CA ASP A 361 3.17 -12.95 24.01
C ASP A 361 2.95 -11.76 23.07
N GLY A 362 2.93 -12.07 21.77
CA GLY A 362 2.68 -11.06 20.76
C GLY A 362 3.83 -10.12 20.43
N ARG A 363 5.01 -10.33 21.03
CA ARG A 363 6.13 -9.41 20.86
C ARG A 363 7.42 -10.14 20.48
N ALA A 364 8.29 -9.43 19.74
CA ALA A 364 9.58 -9.99 19.33
C ALA A 364 10.74 -9.23 19.96
N ARG A 365 11.79 -9.98 20.29
CA ARG A 365 13.08 -9.42 20.65
C ARG A 365 14.10 -9.99 19.69
N CYS A 366 14.94 -9.13 19.11
CA CYS A 366 15.75 -9.51 17.95
C CYS A 366 17.17 -8.97 18.10
N THR A 367 18.10 -9.81 18.59
CA THR A 367 19.47 -9.39 18.98
C THR A 367 20.62 -10.00 18.14
N PRO A 368 21.78 -9.31 18.04
CA PRO A 368 22.86 -9.86 17.22
C PRO A 368 23.32 -11.23 17.70
N THR A 369 23.68 -12.11 16.78
CA THR A 369 24.28 -13.39 17.16
C THR A 369 25.18 -13.93 16.07
N ASP A 370 26.16 -14.75 16.44
CA ASP A 370 26.92 -15.51 15.44
C ASP A 370 26.59 -16.98 15.54
N ALA A 371 25.57 -17.35 16.32
CA ALA A 371 25.09 -18.73 16.33
C ALA A 371 24.63 -19.16 14.94
N ALA A 372 24.63 -20.47 14.68
CA ALA A 372 24.21 -21.02 13.40
C ALA A 372 22.77 -20.58 13.06
N ALA A 373 22.57 -20.15 11.82
CA ALA A 373 21.24 -19.70 11.36
C ALA A 373 20.30 -20.90 11.27
N GLU A 374 19.06 -20.74 11.73
CA GLU A 374 18.03 -21.78 11.51
C GLU A 374 17.11 -21.44 10.32
N ILE A 375 17.00 -20.14 10.02
CA ILE A 375 16.17 -19.64 8.90
C ILE A 375 17.04 -18.67 8.12
N GLU A 376 17.06 -18.79 6.78
CA GLU A 376 17.75 -17.83 5.92
C GLU A 376 16.81 -17.28 4.83
N MET A 377 16.92 -15.98 4.54
CA MET A 377 16.15 -15.36 3.46
C MET A 377 16.80 -14.06 3.01
N ASP A 378 16.61 -13.72 1.74
CA ASP A 378 16.96 -12.39 1.24
C ASP A 378 16.08 -11.33 1.90
N ARG A 379 16.58 -10.10 1.92
CA ARG A 379 15.88 -8.98 2.52
C ARG A 379 14.46 -8.76 1.94
N ASP A 380 14.30 -8.91 0.62
CA ASP A 380 12.99 -8.69 -0.02
C ASP A 380 11.93 -9.61 0.55
N VAL A 381 12.33 -10.83 0.90
CA VAL A 381 11.42 -11.86 1.42
C VAL A 381 10.85 -11.45 2.77
N LEU A 382 11.70 -10.88 3.62
CA LEU A 382 11.26 -10.36 4.91
C LEU A 382 10.20 -9.25 4.74
N GLY A 383 10.44 -8.36 3.78
CA GLY A 383 9.45 -7.34 3.42
C GLY A 383 8.08 -7.93 3.05
N SER A 384 8.08 -8.99 2.24
CA SER A 384 6.83 -9.70 1.84
C SER A 384 6.09 -10.34 3.01
N LEU A 385 6.86 -10.83 3.99
CA LEU A 385 6.31 -11.45 5.20
C LEU A 385 5.73 -10.44 6.18
N TYR A 386 6.25 -9.22 6.12
CA TYR A 386 6.17 -8.29 7.25
C TYR A 386 4.76 -7.82 7.62
N LEU A 387 3.91 -7.61 6.62
CA LEU A 387 2.51 -7.20 6.88
C LEU A 387 1.52 -8.37 6.87
N GLY A 388 2.01 -9.61 6.77
CA GLY A 388 1.12 -10.79 6.74
C GLY A 388 0.46 -11.15 5.42
N ALA A 389 0.83 -10.50 4.32
CA ALA A 389 0.21 -10.80 3.02
C ALA A 389 0.65 -12.13 2.40
N HIS A 390 1.87 -12.55 2.71
CA HIS A 390 2.40 -13.80 2.15
C HIS A 390 2.83 -14.73 3.29
N ARG A 391 2.51 -16.02 3.17
CA ARG A 391 2.88 -17.00 4.21
C ARG A 391 4.33 -17.43 4.07
N ALA A 392 5.03 -17.59 5.19
CA ALA A 392 6.39 -18.14 5.16
C ALA A 392 6.43 -19.50 4.48
N SER A 393 5.38 -20.31 4.70
CA SER A 393 5.30 -21.64 4.11
C SER A 393 5.28 -21.60 2.58
N THR A 394 4.62 -20.59 2.05
CA THR A 394 4.55 -20.40 0.59
C THR A 394 5.91 -19.96 0.04
N LEU A 395 6.54 -18.97 0.67
CA LEU A 395 7.88 -18.53 0.27
C LEU A 395 8.89 -19.69 0.38
N ALA A 396 8.71 -20.52 1.41
CA ALA A 396 9.62 -21.65 1.63
C ALA A 396 9.47 -22.70 0.55
N ALA A 397 8.24 -22.90 0.06
CA ALA A 397 8.01 -23.90 -0.98
C ALA A 397 8.70 -23.49 -2.27
N ALA A 398 8.95 -22.18 -2.43
CA ALA A 398 9.68 -21.68 -3.59
C ALA A 398 11.17 -21.55 -3.32
N ASN A 399 11.60 -22.01 -2.15
CA ASN A 399 13.00 -21.90 -1.71
C ASN A 399 13.48 -20.44 -1.50
N ARG A 400 12.54 -19.51 -1.37
CA ARG A 400 12.88 -18.11 -1.06
C ARG A 400 13.19 -17.88 0.43
N LEU A 401 12.77 -18.83 1.25
CA LEU A 401 13.18 -18.86 2.65
C LEU A 401 13.51 -20.30 3.03
N ARG A 402 14.69 -20.47 3.59
CA ARG A 402 15.28 -21.78 3.77
C ARG A 402 15.34 -22.07 5.24
N THR A 403 14.76 -23.20 5.61
CA THR A 403 14.94 -23.80 6.90
C THR A 403 14.79 -25.30 6.76
N LYS A 404 15.32 -26.04 7.74
CA LYS A 404 15.21 -27.50 7.70
C LYS A 404 14.17 -27.97 8.72
N ASP A 405 13.66 -27.02 9.52
CA ASP A 405 12.71 -27.30 10.57
C ASP A 405 11.26 -26.97 10.14
N SER A 406 10.44 -27.98 9.88
CA SER A 406 9.08 -27.70 9.40
C SER A 406 8.17 -27.15 10.51
N GLN A 407 8.40 -27.59 11.75
CA GLN A 407 7.76 -26.97 12.91
C GLN A 407 8.06 -25.47 13.05
N LEU A 408 9.33 -25.10 12.89
CA LEU A 408 9.72 -23.69 12.93
C LEU A 408 8.97 -22.88 11.87
N LEU A 409 8.85 -23.47 10.69
CA LEU A 409 8.15 -22.82 9.57
C LEU A 409 6.68 -22.56 9.94
N ARG A 410 6.00 -23.58 10.49
CA ARG A 410 4.61 -23.42 10.96
C ARG A 410 4.51 -22.30 11.99
N ARG A 411 5.47 -22.25 12.91
CA ARG A 411 5.45 -21.24 13.96
C ARG A 411 5.65 -19.83 13.40
N LEU A 412 6.59 -19.69 12.48
CA LEU A 412 6.79 -18.40 11.79
C LEU A 412 5.58 -17.93 11.02
N ASP A 413 5.00 -18.83 10.23
CA ASP A 413 3.73 -18.61 9.55
C ASP A 413 2.67 -18.04 10.47
N ALA A 414 2.46 -18.68 11.62
CA ALA A 414 1.43 -18.27 12.56
C ALA A 414 1.74 -16.93 13.21
N ALA A 415 3.01 -16.74 13.61
CA ALA A 415 3.41 -15.55 14.33
C ALA A 415 3.30 -14.30 13.43
N PHE A 416 3.71 -14.42 12.18
CA PHE A 416 3.76 -13.29 11.26
C PHE A 416 2.41 -12.91 10.64
N ALA A 417 1.44 -13.81 10.72
CA ALA A 417 0.06 -13.50 10.29
C ALA A 417 -0.47 -12.25 10.98
N SER A 418 -1.31 -11.52 10.25
CA SER A 418 -1.92 -10.32 10.78
C SER A 418 -3.37 -10.65 11.08
N ASP A 419 -3.78 -10.35 12.31
CA ASP A 419 -5.14 -10.55 12.74
C ASP A 419 -6.10 -9.70 11.91
N VAL A 420 -5.77 -8.42 11.76
CA VAL A 420 -6.49 -7.51 10.87
C VAL A 420 -5.88 -7.66 9.46
N PRO A 421 -6.68 -8.06 8.46
CA PRO A 421 -6.17 -8.23 7.09
C PRO A 421 -5.49 -6.95 6.59
N VAL A 422 -4.35 -7.11 5.93
CA VAL A 422 -3.60 -5.99 5.36
C VAL A 422 -4.37 -5.36 4.20
N GLN A 423 -4.44 -4.04 4.18
CA GLN A 423 -5.08 -3.34 3.05
C GLN A 423 -4.11 -2.37 2.37
N THR A 424 -4.48 -1.87 1.22
CA THR A 424 -3.64 -0.88 0.55
C THR A 424 -4.27 0.49 0.71
N ALA A 425 -3.48 1.47 1.14
CA ALA A 425 -4.03 2.79 1.40
C ALA A 425 -4.24 3.63 0.13
N PHE A 426 -3.24 4.40 -0.28
CA PHE A 426 -3.28 5.15 -1.55
C PHE A 426 -1.94 4.96 -2.21
N GLU A 427 -1.95 5.06 -3.53
CA GLU A 427 -0.76 5.00 -4.33
C GLU A 427 0.06 6.27 -4.16
N PHE A 428 1.39 6.14 -4.19
CA PHE A 428 2.28 7.29 -4.12
C PHE A 428 3.48 7.06 -5.05
N1A COA B . 12.70 -5.01 -15.35
C2A COA B . 13.67 -5.94 -15.00
N3A COA B . 14.95 -5.51 -14.70
C4A COA B . 15.25 -4.18 -14.76
C5A COA B . 14.29 -3.24 -15.12
C6A COA B . 13.00 -3.67 -15.42
N6A COA B . 12.12 -2.81 -15.93
N7A COA B . 14.87 -2.02 -15.10
C8A COA B . 16.16 -2.16 -14.73
N9A COA B . 16.40 -3.50 -14.52
C1B COA B . 17.63 -4.11 -13.99
C2B COA B . 18.78 -4.08 -14.98
O2B COA B . 18.76 -5.16 -15.88
C3B COA B . 19.98 -4.13 -14.05
O3B COA B . 20.27 -5.46 -13.75
P3B COA B . 21.77 -5.95 -13.48
O7A COA B . 22.66 -5.48 -14.61
O8A COA B . 21.76 -7.46 -13.40
O9A COA B . 22.24 -5.35 -12.18
C4B COA B . 19.50 -3.45 -12.78
O4B COA B . 18.07 -3.46 -12.81
C5B COA B . 20.00 -2.02 -12.66
O5B COA B . 19.88 -1.40 -13.92
P1A COA B . 20.07 0.17 -14.15
O1A COA B . 20.95 0.41 -15.34
O2A COA B . 20.64 0.83 -12.93
O3A COA B . 18.55 0.65 -14.46
P2A COA B . 18.21 1.95 -15.35
O4A COA B . 18.17 1.59 -16.81
O5A COA B . 19.22 3.03 -15.09
O6A COA B . 16.73 2.43 -14.88
CBP COA B . 14.27 2.26 -14.73
CCP COA B . 15.62 1.55 -14.75
CDP COA B . 14.25 3.37 -13.68
CEP COA B . 13.20 1.24 -14.35
CAP COA B . 14.00 2.83 -16.14
OAP COA B . 13.91 1.79 -17.09
C9P COA B . 12.84 3.81 -16.29
O9P COA B . 13.04 5.19 -16.11
N8P COA B . 11.65 3.33 -16.63
C7P COA B . 10.52 4.19 -16.95
C6P COA B . 9.79 4.74 -15.73
C5P COA B . 9.65 3.68 -14.64
O5P COA B . 8.99 2.67 -14.85
N4P COA B . 10.29 3.94 -13.50
C3P COA B . 10.11 3.14 -12.29
C2P COA B . 8.92 3.58 -11.45
S1P COA B . 8.52 2.45 -10.08
C1 ACM C . 7.90 4.96 -8.36
O ACM C . 8.23 5.86 -9.17
N ACM C . 6.61 4.67 -8.10
C2 ACM C . 8.90 4.09 -7.65
#